data_2MAV
#
_entry.id   2MAV
#
loop_
_entity.id
_entity.type
_entity.pdbx_description
1 polymer "DNA_(5'-D(*CP*TP*CP*GP*GP*CP*GP*CP*CP*AP*TP*C)-3')"
2 polymer "DNA_(5'-D(*GP*AP*TP*GP*GP*CP*GP*CP*CP*GP*AP*G)-3')"
#
loop_
_entity_poly.entity_id
_entity_poly.type
_entity_poly.pdbx_seq_one_letter_code
_entity_poly.pdbx_strand_id
1 'polydeoxyribonucleotide' (DC)(DT)(DC)(DG)(DG)(DC)(IQG)(DC)(DC)(DA)(DT)(DC) A
2 'polydeoxyribonucleotide' (DG)(DA)(DT)(DG)(DG)(DC)(DG)(DC)(DC)(DG)(DA)(DG) B
#
loop_
_chem_comp.id
_chem_comp.type
_chem_comp.name
_chem_comp.formula
DA DNA linking 2'-DEOXYADENOSINE-5'-MONOPHOSPHATE 'C10 H14 N5 O6 P'
DC DNA linking 2'-DEOXYCYTIDINE-5'-MONOPHOSPHATE 'C9 H14 N3 O7 P'
DG DNA linking 2'-DEOXYGUANOSINE-5'-MONOPHOSPHATE 'C10 H14 N5 O7 P'
DT DNA linking THYMIDINE-5'-MONOPHOSPHATE 'C10 H15 N2 O8 P'
IQG non-polymer 'N-(2-amino-3-methyl-3H-imidazo[4,5-f]quinolin-5-yl)-2'-deoxyguanosine 5'-(dihydrogen phosphate)' 'C21 H22 N9 O7 P'
#
# COMPACT_ATOMS: atom_id res chain seq x y z
P IQG A 7 7.01 -0.48 -1.79
OP1 IQG A 7 7.70 0.77 -2.19
OP2 IQG A 7 7.80 -1.63 -1.31
O5' IQG A 7 5.90 -0.12 -0.67
C5' IQG A 7 5.17 1.09 -0.72
C4' IQG A 7 4.01 1.14 0.29
O4' IQG A 7 2.95 0.30 -0.18
C1' IQG A 7 2.58 -0.55 0.88
N9 IQG A 7 1.90 -1.79 0.43
C8 IQG A 7 2.40 -3.08 0.36
N7 IQG A 7 1.49 -3.99 0.16
C5 IQG A 7 0.30 -3.26 0.09
C6 IQG A 7 -1.08 -3.67 -0.05
O6 IQG A 7 -1.55 -4.80 -0.12
N1 IQG A 7 -1.97 -2.61 -0.10
C2 IQG A 7 -1.61 -1.30 0.01
N2 IQG A 7 -2.63 -0.45 -0.02
C23 IQG A 7 -2.69 0.90 -0.06
C22 IQG A 7 -3.97 1.53 0.10
N21 IQG A 7 -5.05 0.72 0.25
C20 IQG A 7 -6.32 1.32 0.29
C19 IQG A 7 -6.45 2.71 0.32
C18 IQG A 7 -5.31 3.53 0.32
C17 IQG A 7 -4.06 2.94 0.08
C16 IQG A 7 -2.93 3.73 -0.15
N15 IQG A 7 -2.76 5.07 -0.19
C14 IQG A 7 -1.44 5.23 -0.50
N14 IQG A 7 -0.82 6.47 -0.62
N13 IQG A 7 -0.73 4.07 -0.72
C13 IQG A 7 0.73 3.93 -0.96
C12 IQG A 7 -1.67 3.10 -0.41
C11 IQG A 7 -1.58 1.71 -0.35
N3 IQG A 7 -0.35 -0.91 0.25
C4 IQG A 7 0.55 -1.93 0.22
C3' IQG A 7 4.40 0.64 1.70
C2' IQG A 7 3.86 -0.78 1.66
O3' IQG A 7 3.69 1.29 2.74
H5'2 IQG A 7 5.85 1.92 -0.50
H5'1 IQG A 7 4.77 1.24 -1.72
H4' IQG A 7 3.65 2.16 0.37
H1' IQG A 7 1.88 0.00 1.52
H8 IQG A 7 3.44 -3.31 0.48
H1 IQG A 7 -2.90 -2.83 -0.39
H2 IQG A 7 -3.55 -0.86 0.03
H20 IQG A 7 -7.18 0.69 0.18
H19 IQG A 7 -7.42 3.17 0.34
H18 IQG A 7 -5.40 4.61 0.31
H14 IQG A 7 -0.92 6.99 0.23
H14' IQG A 7 -1.06 6.90 -1.51
H13 IQG A 7 1.26 4.85 -0.72
H13' IQG A 7 1.13 3.13 -0.33
H12 IQG A 7 0.90 3.67 -2.00
H11 IQG A 7 -0.62 1.28 -0.58
H3' IQG A 7 5.48 0.66 1.87
H2'1 IQG A 7 3.67 -1.17 2.66
H2'2 IQG A 7 4.55 -1.44 1.12
P IQG A 7 7.10 -0.98 -2.01
OP1 IQG A 7 7.91 0.20 -2.40
OP2 IQG A 7 7.78 -2.18 -1.48
O5' IQG A 7 5.98 -0.52 -0.94
C5' IQG A 7 5.31 0.73 -1.06
C4' IQG A 7 4.13 0.86 -0.09
O4' IQG A 7 3.06 0.01 -0.53
C1' IQG A 7 2.65 -0.76 0.58
N9 IQG A 7 1.98 -2.02 0.20
C8 IQG A 7 2.48 -3.29 0.13
N7 IQG A 7 1.57 -4.22 -0.07
C5 IQG A 7 0.38 -3.50 -0.16
C6 IQG A 7 -0.99 -3.91 -0.33
O6 IQG A 7 -1.45 -5.04 -0.43
N1 IQG A 7 -1.88 -2.86 -0.39
C2 IQG A 7 -1.54 -1.55 -0.23
N2 IQG A 7 -2.56 -0.70 -0.20
C23 IQG A 7 -2.64 0.64 -0.16
C22 IQG A 7 -3.90 1.23 0.11
N21 IQG A 7 -4.97 0.40 0.27
C20 IQG A 7 -6.24 0.97 0.43
C19 IQG A 7 -6.37 2.37 0.58
C18 IQG A 7 -5.25 3.18 0.61
C17 IQG A 7 -4.01 2.64 0.25
C16 IQG A 7 -2.90 3.47 0.05
N15 IQG A 7 -2.73 4.80 0.20
C14 IQG A 7 -1.40 4.99 -0.06
N14 IQG A 7 -0.74 6.21 0.13
N13 IQG A 7 -0.71 3.89 -0.49
C13 IQG A 7 0.77 3.80 -0.60
C12 IQG A 7 -1.63 2.89 -0.32
C11 IQG A 7 -1.53 1.49 -0.40
N3 IQG A 7 -0.29 -1.16 0.03
C4 IQG A 7 0.62 -2.16 0.00
C3' IQG A 7 4.48 0.45 1.36
C2' IQG A 7 3.91 -0.95 1.42
O3' IQG A 7 3.81 1.21 2.34
H5'2 IQG A 7 6.02 1.54 -0.88
H5'1 IQG A 7 4.93 0.82 -2.08
H4' IQG A 7 3.79 1.90 -0.10
H1' IQG A 7 1.94 -0.15 1.16
H8 IQG A 7 3.53 -3.52 0.25
H1 IQG A 7 -2.81 -3.06 -0.69
H2 IQG A 7 -3.48 -1.12 -0.18
H20 IQG A 7 -7.11 0.34 0.30
H19 IQG A 7 -7.36 2.81 0.69
H18 IQG A 7 -5.35 4.26 0.75
H14 IQG A 7 -0.52 6.33 1.11
H14' IQG A 7 -1.22 6.95 -0.38
H13 IQG A 7 1.23 3.72 0.39
H13' IQG A 7 1.06 2.91 -1.18
H12 IQG A 7 1.17 4.68 -1.09
H11 IQG A 7 -0.59 1.09 -0.70
H3' IQG A 7 5.56 0.46 1.53
H2'1 IQG A 7 3.67 -1.25 2.45
H2'2 IQG A 7 4.59 -1.66 0.95
P IQG A 7 6.66 -2.10 -1.65
OP1 IQG A 7 7.61 -1.00 -1.91
OP2 IQG A 7 7.15 -3.37 -1.10
O5' IQG A 7 5.50 -1.57 -0.67
C5' IQG A 7 4.83 -0.33 -0.93
C4' IQG A 7 3.62 -0.16 0.00
O4' IQG A 7 2.60 -1.10 -0.35
C1' IQG A 7 2.19 -1.75 0.83
N9 IQG A 7 1.62 -3.10 0.53
C8 IQG A 7 2.23 -4.32 0.50
N7 IQG A 7 1.41 -5.32 0.28
C5 IQG A 7 0.17 -4.70 0.13
C6 IQG A 7 -1.16 -5.21 -0.12
O6 IQG A 7 -1.55 -6.37 -0.23
N1 IQG A 7 -2.12 -4.23 -0.25
C2 IQG A 7 -1.88 -2.90 -0.11
N2 IQG A 7 -2.95 -2.12 -0.17
C23 IQG A 7 -3.08 -0.78 -0.18
C22 IQG A 7 -4.36 -0.20 0.05
N21 IQG A 7 -5.41 -1.04 0.27
C20 IQG A 7 -6.68 -0.48 0.45
C19 IQG A 7 -6.86 0.91 0.46
C18 IQG A 7 -5.76 1.77 0.33
C17 IQG A 7 -4.51 1.21 0.06
C16 IQG A 7 -3.40 2.04 -0.17
N15 IQG A 7 -3.26 3.39 -0.12
C14 IQG A 7 -1.94 3.61 -0.44
N14 IQG A 7 -1.34 4.84 -0.43
N13 IQG A 7 -1.22 2.47 -0.71
C13 IQG A 7 0.27 2.42 -0.80
C12 IQG A 7 -2.13 1.47 -0.48
C11 IQG A 7 -2.00 0.08 -0.47
N3 IQG A 7 -0.69 -2.42 0.25
C4 IQG A 7 0.30 -3.34 0.29
C3' IQG A 7 3.98 -0.37 1.48
C2' IQG A 7 3.43 -1.77 1.73
O3' IQG A 7 3.31 0.53 2.34
H5'2 IQG A 7 5.52 0.49 -0.77
H5'1 IQG A 7 4.49 -0.31 -1.96
H4' IQG A 7 3.23 0.85 -0.13
H1' IQG A 7 1.43 -1.15 1.31
H8 IQG A 7 3.29 -4.47 0.63
H1 IQG A 7 -3.01 -4.51 -0.60
H2 IQG A 7 -3.85 -2.58 -0.17
H20 IQG A 7 -7.54 -1.15 0.50
H19 IQG A 7 -7.85 1.32 0.57
H18 IQG A 7 -5.89 2.84 0.37
H14 IQG A 7 -1.12 5.13 0.51
H14' IQG A 7 -1.81 5.48 -1.06
H13 IQG A 7 0.60 1.45 -1.17
H13' IQG A 7 0.63 3.18 -1.49
H12 IQG A 7 0.72 2.60 0.17
H11 IQG A 7 -1.04 -0.31 -0.76
H3' IQG A 7 5.05 -0.34 1.64
H2'1 IQG A 7 3.16 -1.91 2.77
H2'2 IQG A 7 4.16 -2.52 1.40
P IQG A 7 6.87 -1.51 -1.12
OP1 IQG A 7 7.65 -0.26 -1.27
OP2 IQG A 7 7.57 -2.75 -0.75
O5' IQG A 7 5.68 -1.26 -0.05
C5' IQG A 7 4.94 -0.06 -0.02
C4' IQG A 7 3.68 -0.15 0.89
O4' IQG A 7 2.73 -1.02 0.29
C1' IQG A 7 2.32 -1.94 1.28
N9 IQG A 7 1.75 -3.19 0.73
C8 IQG A 7 2.32 -4.43 0.58
N7 IQG A 7 1.48 -5.38 0.25
C5 IQG A 7 0.25 -4.70 0.15
C6 IQG A 7 -1.08 -5.15 -0.16
O6 IQG A 7 -1.48 -6.29 -0.41
N1 IQG A 7 -2.02 -4.13 -0.20
C2 IQG A 7 -1.73 -2.82 0.02
N2 IQG A 7 -2.76 -2.00 -0.09
C23 IQG A 7 -2.83 -0.64 -0.11
C22 IQG A 7 -4.10 -0.01 0.05
N21 IQG A 7 -5.19 -0.83 0.16
C20 IQG A 7 -6.46 -0.21 0.21
C19 IQG A 7 -6.57 1.18 0.26
C18 IQG A 7 -5.44 2.00 0.28
C17 IQG A 7 -4.20 1.39 0.05
C16 IQG A 7 -3.06 2.19 -0.16
N15 IQG A 7 -2.88 3.53 -0.19
C14 IQG A 7 -1.56 3.69 -0.53
N14 IQG A 7 -0.95 4.93 -0.67
N13 IQG A 7 -0.85 2.53 -0.70
C13 IQG A 7 0.60 2.43 -0.94
C12 IQG A 7 -1.79 1.57 -0.42
C11 IQG A 7 -1.71 0.17 -0.38
N3 IQG A 7 -0.53 -2.40 0.41
C4 IQG A 7 0.43 -3.37 0.42
C3' IQG A 7 3.99 -0.69 2.30
C2' IQG A 7 3.55 -2.15 2.16
O3' IQG A 7 3.15 -0.12 3.29
H5'2 IQG A 7 5.57 0.75 0.34
H5'1 IQG A 7 4.61 0.19 -1.03
H4' IQG A 7 3.26 0.84 0.98
H1' IQG A 7 1.55 -1.46 1.89
H8 IQG A 7 3.38 -4.62 0.73
H1 IQG A 7 -2.90 -4.36 -0.58
H2 IQG A 7 -3.68 -2.41 -0.15
H20 IQG A 7 -7.33 -0.84 0.10
H19 IQG A 7 -7.56 1.64 0.31
H18 IQG A 7 -5.53 3.07 0.38
H14 IQG A 7 -1.26 5.36 -1.53
H14' IQG A 7 -1.01 5.44 0.21
H13 IQG A 7 0.97 1.44 -0.66
H13' IQG A 7 0.81 2.59 -2.01
H12 IQG A 7 1.14 3.17 -0.36
H11 IQG A 7 -0.75 -0.27 -0.61
H3' IQG A 7 5.04 -0.61 2.56
H2'1 IQG A 7 3.29 -2.58 3.12
H2'2 IQG A 7 4.31 -2.72 1.65
P IQG A 7 6.65 -1.64 -1.38
OP1 IQG A 7 7.41 -0.38 -1.50
OP2 IQG A 7 7.38 -2.89 -1.04
O5' IQG A 7 5.48 -1.44 -0.30
C5' IQG A 7 4.69 -0.26 -0.28
C4' IQG A 7 3.46 -0.40 0.64
O4' IQG A 7 2.53 -1.31 0.04
C1' IQG A 7 2.14 -2.23 1.04
N9 IQG A 7 1.59 -3.50 0.52
C8 IQG A 7 2.17 -4.73 0.39
N7 IQG A 7 1.33 -5.69 0.08
C5 IQG A 7 0.10 -5.04 -0.03
C6 IQG A 7 -1.23 -5.50 -0.32
O6 IQG A 7 -1.63 -6.65 -0.54
N1 IQG A 7 -2.18 -4.50 -0.35
C2 IQG A 7 -1.91 -3.19 -0.14
N2 IQG A 7 -2.96 -2.38 -0.22
C23 IQG A 7 -3.06 -1.03 -0.20
C22 IQG A 7 -4.33 -0.43 0.01
N21 IQG A 7 -5.40 -1.26 0.18
C20 IQG A 7 -6.66 -0.67 0.33
C19 IQG A 7 -6.81 0.73 0.38
C18 IQG A 7 -5.69 1.56 0.32
C17 IQG A 7 -4.45 0.98 0.06
C16 IQG A 7 -3.32 1.80 -0.16
N15 IQG A 7 -3.18 3.14 -0.16
C14 IQG A 7 -1.87 3.33 -0.55
N14 IQG A 7 -1.29 4.58 -0.74
N13 IQG A 7 -1.14 2.19 -0.75
C13 IQG A 7 0.30 2.13 -1.09
C12 IQG A 7 -2.05 1.20 -0.47
C11 IQG A 7 -1.95 -0.19 -0.47
N3 IQG A 7 -0.71 -2.75 0.25
C4 IQG A 7 0.26 -3.70 0.24
C3' IQG A 7 3.79 -0.93 2.04
C2' IQG A 7 3.39 -2.40 1.91
O3' IQG A 7 2.96 -0.40 3.05
H5'2 IQG A 7 5.30 0.57 0.08
H5'1 IQG A 7 4.35 -0.03 -1.29
H4' IQG A 7 2.99 0.57 0.74
H1' IQG A 7 1.37 -1.74 1.66
H8 IQG A 7 3.22 -4.90 0.54
H1 IQG A 7 -3.06 -4.74 -0.75
H2 IQG A 7 -3.87 -2.81 -0.27
H20 IQG A 7 -7.54 -1.32 0.29
H19 IQG A 7 -7.80 1.16 0.49
H18 IQG A 7 -5.79 2.63 0.43
H14 IQG A 7 -1.38 5.12 0.12
H14' IQG A 7 -1.60 4.98 -1.61
H13 IQG A 7 0.48 2.63 -2.03
H13' IQG A 7 0.89 2.61 -0.31
H12 IQG A 7 0.63 1.09 -1.18
H11 IQG A 7 -1.00 -0.61 -0.75
H3' IQG A 7 4.85 -0.84 2.28
H2'1 IQG A 7 3.16 -2.85 2.88
H2'2 IQG A 7 4.17 -2.96 1.38
P IQG A 7 6.50 -1.29 -1.13
OP1 IQG A 7 7.28 -0.06 -1.35
OP2 IQG A 7 7.20 -2.54 -0.76
O5' IQG A 7 5.36 -1.02 -0.02
C5' IQG A 7 4.60 0.19 -0.03
C4' IQG A 7 3.38 0.12 0.91
O4' IQG A 7 2.40 -0.76 0.36
C1' IQG A 7 1.98 -1.63 1.39
N9 IQG A 7 1.37 -2.89 0.91
C8 IQG A 7 1.89 -4.15 0.82
N7 IQG A 7 1.01 -5.08 0.55
C5 IQG A 7 -0.19 -4.37 0.42
C6 IQG A 7 -1.53 -4.78 0.15
O6 IQG A 7 -1.99 -5.92 -0.01
N1 IQG A 7 -2.44 -3.74 0.08
C2 IQG A 7 -2.10 -2.42 0.23
N2 IQG A 7 -3.11 -1.58 0.09
C23 IQG A 7 -3.16 -0.22 0.03
C22 IQG A 7 -4.43 0.42 0.15
N21 IQG A 7 -5.53 -0.38 0.27
C20 IQG A 7 -6.79 0.25 0.30
C19 IQG A 7 -6.89 1.65 0.33
C18 IQG A 7 -5.74 2.45 0.34
C17 IQG A 7 -4.50 1.83 0.13
C16 IQG A 7 -3.35 2.60 -0.08
N15 IQG A 7 -3.15 3.94 -0.13
C14 IQG A 7 -1.82 4.09 -0.43
N14 IQG A 7 -1.17 5.31 -0.54
N13 IQG A 7 -1.14 2.91 -0.62
C13 IQG A 7 0.33 2.76 -0.84
C12 IQG A 7 -2.10 1.96 -0.33
C11 IQG A 7 -2.03 0.56 -0.23
N3 IQG A 7 -0.88 -2.03 0.58
C4 IQG A 7 0.03 -3.03 0.62
C3' IQG A 7 3.72 -0.39 2.33
C2' IQG A 7 3.24 -1.84 2.24
O3' IQG A 7 2.93 0.21 3.35
H5'2 IQG A 7 5.24 1.01 0.29
H5'1 IQG A 7 4.24 0.39 -1.04
H4' IQG A 7 2.95 1.12 0.99
H1' IQG A 7 1.25 -1.11 2.00
H8 IQG A 7 2.94 -4.37 0.99
H1 IQG A 7 -3.34 -3.96 -0.28
H2 IQG A 7 -4.04 -1.98 0.06
H20 IQG A 7 -7.67 -0.36 0.21
H19 IQG A 7 -7.86 2.12 0.37
H18 IQG A 7 -5.80 3.52 0.44
H14 IQG A 7 -1.53 5.81 -1.35
H14' IQG A 7 -1.16 5.77 0.36
H13 IQG A 7 0.86 3.59 -0.36
H13' IQG A 7 0.68 1.83 -0.40
H12 IQG A 7 0.56 2.74 -1.91
H11 IQG A 7 -1.07 0.11 -0.44
H3' IQG A 7 4.78 -0.33 2.55
H2'1 IQG A 7 3.01 -2.24 3.22
H2'2 IQG A 7 3.98 -2.44 1.72
P IQG A 7 6.63 -1.20 -1.93
OP1 IQG A 7 7.44 0.03 -2.12
OP2 IQG A 7 7.31 -2.47 -1.59
O5' IQG A 7 5.52 -0.91 -0.79
C5' IQG A 7 4.77 0.29 -0.80
C4' IQG A 7 3.57 0.23 0.17
O4' IQG A 7 2.61 -0.69 -0.34
C1' IQG A 7 2.23 -1.53 0.74
N9 IQG A 7 1.62 -2.81 0.30
C8 IQG A 7 2.15 -4.06 0.21
N7 IQG A 7 1.29 -5.02 0.02
C5 IQG A 7 0.06 -4.33 -0.08
C6 IQG A 7 -1.29 -4.77 -0.28
O6 IQG A 7 -1.72 -5.91 -0.42
N1 IQG A 7 -2.22 -3.75 -0.31
C2 IQG A 7 -1.90 -2.43 -0.18
N2 IQG A 7 -2.94 -1.61 -0.19
C23 IQG A 7 -3.01 -0.26 -0.22
C22 IQG A 7 -4.27 0.35 0.04
N21 IQG A 7 -5.33 -0.46 0.30
C20 IQG A 7 -6.60 0.13 0.46
C19 IQG A 7 -6.74 1.53 0.44
C18 IQG A 7 -5.62 2.35 0.36
C17 IQG A 7 -4.38 1.77 0.04
C16 IQG A 7 -3.29 2.57 -0.29
N15 IQG A 7 -3.13 3.91 -0.35
C14 IQG A 7 -1.84 4.09 -0.79
N14 IQG A 7 -1.26 5.33 -1.00
N13 IQG A 7 -1.14 2.93 -1.03
C13 IQG A 7 0.30 2.82 -1.39
C12 IQG A 7 -2.04 1.95 -0.66
C11 IQG A 7 -1.93 0.56 -0.59
N3 IQG A 7 -0.66 -2.00 0.09
C4 IQG A 7 0.28 -2.98 0.08
C3' IQG A 7 3.97 -0.25 1.58
C2' IQG A 7 3.50 -1.69 1.56
O3' IQG A 7 3.22 0.40 2.60
H5'2 IQG A 7 5.43 1.12 -0.50
H5'1 IQG A 7 4.39 0.49 -1.80
H4' IQG A 7 3.13 1.22 0.24
H1' IQG A 7 1.50 -0.99 1.34
H8 IQG A 7 3.21 -4.26 0.32
H1 IQG A 7 -3.14 -3.97 -0.63
H2 IQG A 7 -3.85 -2.02 -0.13
H20 IQG A 7 -7.47 -0.51 0.46
H19 IQG A 7 -7.72 1.97 0.54
H18 IQG A 7 -5.70 3.43 0.43
H14 IQG A 7 -1.29 5.87 -0.14
H14' IQG A 7 -1.58 5.73 -1.86
H13 IQG A 7 0.73 1.91 -0.94
H13' IQG A 7 0.41 2.76 -2.46
H12 IQG A 7 0.86 3.68 -1.00
H11 IQG A 7 -0.99 0.14 -0.91
H3' IQG A 7 5.04 -0.17 1.77
H2'1 IQG A 7 3.29 -2.07 2.56
H2'2 IQG A 7 4.23 -2.32 1.05
P IQG A 7 7.00 -1.37 -1.69
OP1 IQG A 7 7.75 -0.11 -1.80
OP2 IQG A 7 7.73 -2.62 -1.37
O5' IQG A 7 5.85 -1.18 -0.59
C5' IQG A 7 5.10 0.02 -0.50
C4' IQG A 7 3.90 -0.11 0.44
O4' IQG A 7 2.93 -0.99 -0.15
C1' IQG A 7 2.56 -1.93 0.84
N9 IQG A 7 1.97 -3.17 0.29
C8 IQG A 7 2.52 -4.42 0.16
N7 IQG A 7 1.65 -5.36 -0.11
C5 IQG A 7 0.43 -4.67 -0.20
C6 IQG A 7 -0.92 -5.11 -0.45
O6 IQG A 7 -1.34 -6.25 -0.61
N1 IQG A 7 -1.84 -4.08 -0.50
C2 IQG A 7 -1.53 -2.78 -0.30
N2 IQG A 7 -2.58 -1.96 -0.34
C23 IQG A 7 -2.69 -0.62 -0.27
C22 IQG A 7 -3.97 -0.05 -0.03
N21 IQG A 7 -5.02 -0.90 0.11
C20 IQG A 7 -6.31 -0.34 0.30
C19 IQG A 7 -6.46 1.04 0.42
C18 IQG A 7 -5.35 1.90 0.44
C17 IQG A 7 -4.10 1.36 0.11
C16 IQG A 7 -2.99 2.20 -0.09
N15 IQG A 7 -2.85 3.54 0.03
C14 IQG A 7 -1.54 3.77 -0.30
N14 IQG A 7 -0.94 5.02 -0.25
N13 IQG A 7 -0.82 2.66 -0.67
C13 IQG A 7 0.64 2.58 -0.91
C12 IQG A 7 -1.72 1.64 -0.44
C11 IQG A 7 -1.60 0.25 -0.51
N3 IQG A 7 -0.31 -2.35 0.03
C4 IQG A 7 0.63 -3.33 0.02
C3' IQG A 7 4.27 -0.70 1.83
C2' IQG A 7 3.82 -2.14 1.65
O3' IQG A 7 3.48 -0.17 2.88
H5'2 IQG A 7 5.75 0.82 -0.15
H5'1 IQG A 7 4.74 0.28 -1.50
H4' IQG A 7 3.45 0.87 0.59
H1' IQG A 7 1.82 -1.45 1.48
H8 IQG A 7 3.57 -4.62 0.28
H1 IQG A 7 -2.74 -4.31 -0.83
H2 IQG A 7 -3.49 -2.40 -0.37
H20 IQG A 7 -7.16 -1.00 0.23
H19 IQG A 7 -7.46 1.47 0.54
H18 IQG A 7 -5.46 2.95 0.61
H14 IQG A 7 -0.90 5.34 0.71
H14' IQG A 7 -1.37 5.63 -0.93
H13 IQG A 7 1.06 1.72 -0.38
H13' IQG A 7 0.84 2.47 -1.98
H12 IQG A 7 1.15 3.48 -0.54
H11 IQG A 7 -0.64 -0.13 -0.80
H3' IQG A 7 5.33 -0.62 2.04
H2'1 IQG A 7 3.61 -2.61 2.62
H2'2 IQG A 7 4.58 -2.71 1.10
P IQG A 7 6.69 -0.93 -2.80
OP1 IQG A 7 7.40 0.26 -3.32
OP2 IQG A 7 7.45 -2.02 -2.18
O5' IQG A 7 5.58 -0.41 -1.74
C5' IQG A 7 4.75 0.70 -2.06
C4' IQG A 7 3.56 0.86 -1.10
O4' IQG A 7 2.60 -0.17 -1.32
C1' IQG A 7 2.15 -0.58 -0.05
N9 IQG A 7 1.46 -1.89 -0.07
C8 IQG A 7 1.95 -3.16 0.00
N7 IQG A 7 1.04 -4.10 0.08
C5 IQG A 7 -0.16 -3.38 0.05
C6 IQG A 7 -1.54 -3.79 0.08
O6 IQG A 7 -2.01 -4.92 0.17
N1 IQG A 7 -2.44 -2.74 -0.01
C2 IQG A 7 -2.09 -1.43 -0.10
N2 IQG A 7 -3.10 -0.57 -0.07
C23 IQG A 7 -3.15 0.79 -0.12
C22 IQG A 7 -4.40 1.42 0.15
N21 IQG A 7 -5.48 0.63 0.36
C20 IQG A 7 -6.74 1.26 0.50
C19 IQG A 7 -6.84 2.65 0.56
C18 IQG A 7 -5.69 3.45 0.51
C17 IQG A 7 -4.48 2.84 0.17
C16 IQG A 7 -3.35 3.62 -0.13
N15 IQG A 7 -3.15 4.96 -0.12
C14 IQG A 7 -1.83 5.11 -0.50
N14 IQG A 7 -1.19 6.33 -0.58
N13 IQG A 7 -1.18 3.94 -0.82
C13 IQG A 7 0.27 3.77 -1.06
C12 IQG A 7 -2.12 2.99 -0.50
C11 IQG A 7 -2.05 1.59 -0.48
N3 IQG A 7 -0.81 -1.04 -0.08
C4 IQG A 7 0.09 -2.03 -0.05
C3' IQG A 7 3.94 0.82 0.40
C2' IQG A 7 3.40 -0.55 0.81
O3' IQG A 7 3.24 1.86 1.06
H5'2 IQG A 7 5.35 1.61 -2.04
H5'1 IQG A 7 4.35 0.57 -3.07
H4' IQG A 7 3.09 1.81 -1.30
H1' IQG A 7 1.45 0.18 0.33
H8 IQG A 7 3.02 -3.37 0.01
H1 IQG A 7 -3.40 -2.98 -0.13
H2 IQG A 7 -4.01 -0.97 0.05
H20 IQG A 7 -7.62 0.63 0.44
H19 IQG A 7 -7.80 3.13 0.71
H18 IQG A 7 -5.76 4.52 0.55
H14 IQG A 7 -1.58 6.87 -1.34
H14' IQG A 7 -1.15 6.74 0.35
H13 IQG A 7 0.78 4.72 -1.19
H13' IQG A 7 0.72 3.25 -0.20
H12 IQG A 7 0.44 3.15 -1.94
H11 IQG A 7 -1.12 1.17 -0.79
H3' IQG A 7 5.02 0.91 0.55
H2'1 IQG A 7 3.16 -0.60 1.87
H2'2 IQG A 7 4.10 -1.33 0.53
P IQG A 7 6.41 -1.69 -1.98
OP1 IQG A 7 7.27 -0.56 -2.37
OP2 IQG A 7 7.04 -2.91 -1.41
O5' IQG A 7 5.31 -1.16 -0.92
C5' IQG A 7 4.62 0.07 -1.11
C4' IQG A 7 3.45 0.26 -0.15
O4' IQG A 7 2.41 -0.63 -0.50
C1' IQG A 7 1.99 -1.30 0.67
N9 IQG A 7 1.31 -2.58 0.39
C8 IQG A 7 1.80 -3.86 0.41
N7 IQG A 7 0.89 -4.79 0.28
C5 IQG A 7 -0.31 -4.07 0.15
C6 IQG A 7 -1.68 -4.48 0.00
O6 IQG A 7 -2.15 -5.61 -0.04
N1 IQG A 7 -2.56 -3.43 -0.09
C2 IQG A 7 -2.21 -2.11 -0.05
N2 IQG A 7 -3.21 -1.25 -0.08
C23 IQG A 7 -3.26 0.10 -0.13
C22 IQG A 7 -4.50 0.75 0.11
N21 IQG A 7 -5.59 -0.04 0.37
C20 IQG A 7 -6.82 0.59 0.55
C19 IQG A 7 -6.93 1.99 0.57
C18 IQG A 7 -5.79 2.78 0.42
C17 IQG A 7 -4.57 2.17 0.11
C16 IQG A 7 -3.44 2.94 -0.19
N15 IQG A 7 -3.22 4.26 -0.18
C14 IQG A 7 -1.90 4.41 -0.51
N14 IQG A 7 -1.22 5.62 -0.52
N13 IQG A 7 -1.25 3.24 -0.82
C13 IQG A 7 0.23 3.09 -0.90
C12 IQG A 7 -2.20 2.29 -0.53
C11 IQG A 7 -2.14 0.89 -0.48
N3 IQG A 7 -0.94 -1.72 0.16
C4 IQG A 7 -0.04 -2.72 0.21
C3' IQG A 7 3.82 -0.01 1.32
C2' IQG A 7 3.25 -1.41 1.52
O3' IQG A 7 3.17 0.84 2.25
H5'2 IQG A 7 5.34 0.89 -0.97
H5'1 IQG A 7 4.25 0.12 -2.14
H4' IQG A 7 3.08 1.29 -0.23
H1' IQG A 7 1.29 -0.64 1.19
H8 IQG A 7 2.85 -4.09 0.53
H1 IQG A 7 -3.50 -3.66 -0.35
H2 IQG A 7 -4.14 -1.65 -0.02
H20 IQG A 7 -7.71 -0.03 0.60
H19 IQG A 7 -7.89 2.46 0.73
H18 IQG A 7 -5.86 3.86 0.46
H14 IQG A 7 -1.74 6.29 -1.08
H14' IQG A 7 -0.96 5.86 0.43
H13 IQG A 7 0.67 3.14 0.10
H13' IQG A 7 0.50 2.13 -1.35
H12 IQG A 7 0.66 3.89 -1.50
H11 IQG A 7 -1.21 0.44 -0.76
H3' IQG A 7 4.90 0.00 1.47
H2'1 IQG A 7 3.01 -1.61 2.57
H2'2 IQG A 7 3.93 -2.16 1.11
#